data_1UV4
#
_entry.id   1UV4
#
_cell.length_a   48.628
_cell.length_b   46.153
_cell.length_c   57.322
_cell.angle_alpha   90.00
_cell.angle_beta   98.96
_cell.angle_gamma   90.00
#
_symmetry.space_group_name_H-M   'P 1 21 1'
#
loop_
_entity.id
_entity.type
_entity.pdbx_description
1 polymer 'ARABINAN-ENDO 1,5-ALPHA-L-ARABINASE'
2 non-polymer 'CALCIUM ION'
3 non-polymer 1,2-ETHANEDIOL
4 water water
#
_entity_poly.entity_id   1
_entity_poly.type   'polypeptide(L)'
_entity_poly.pdbx_seq_one_letter_code
;EAAFWGASNELLHDPTMIKEGSSWYALGTGLTEERGLRVLKSSDAKNWTVQKSIFTTPLSWWSNYVPNYGQNQWAPDIQY
YNGKYWLYYSVSSFGSNTSAIGLASSTSISSGGWKDEGLVIRSTSSNNYNAIDPELTFDKDGNPWLAFGSFWSGIKLTKL
DKSTMKPTGSLYSIAARPNNGGALEAPTLTYQNGYYYLMVSFDKCCDGVNSTYKIAYGRSKSITGPYLDKSGKSMLEGGG
TILDSGNDQWKGPGGQDIVNGNILVRHAYDANDNGIPKLLINDLNWSSGWPSY
;
_entity_poly.pdbx_strand_id   A
#
# COMPACT_ATOMS: atom_id res chain seq x y z
N ALA A 3 5.94 18.42 9.26
CA ALA A 3 4.90 18.59 10.29
C ALA A 3 3.73 17.67 10.04
N PHE A 4 2.88 17.57 11.06
CA PHE A 4 1.69 16.75 11.03
C PHE A 4 0.58 17.61 10.42
N TRP A 5 0.04 17.15 9.29
CA TRP A 5 -1.01 17.90 8.60
C TRP A 5 -2.33 17.80 9.34
N GLY A 6 -2.56 16.65 9.94
CA GLY A 6 -3.77 16.36 10.71
C GLY A 6 -4.27 14.99 10.38
N ALA A 7 -5.35 14.62 11.05
CA ALA A 7 -6.06 13.36 10.86
C ALA A 7 -7.43 13.67 10.29
N SER A 8 -7.88 12.77 9.41
CA SER A 8 -9.17 12.92 8.78
C SER A 8 -10.32 12.71 9.75
N ASN A 9 -11.42 13.35 9.38
CA ASN A 9 -12.75 13.12 9.88
C ASN A 9 -13.30 11.73 9.51
N GLU A 10 -13.09 11.41 8.25
CA GLU A 10 -13.59 10.20 7.66
C GLU A 10 -12.68 9.02 7.91
N LEU A 11 -13.32 7.88 8.07
CA LEU A 11 -12.65 6.61 8.18
C LEU A 11 -11.85 6.34 6.89
N LEU A 12 -10.62 5.86 6.99
CA LEU A 12 -9.93 5.32 5.84
C LEU A 12 -8.89 4.32 6.30
N HIS A 13 -8.79 3.21 5.57
CA HIS A 13 -7.85 2.15 5.89
C HIS A 13 -7.05 1.81 4.63
N ASP A 14 -5.77 1.58 4.80
CA ASP A 14 -4.85 1.22 3.68
C ASP A 14 -4.82 2.29 2.62
N PRO A 15 -4.52 3.54 2.99
CA PRO A 15 -4.68 4.68 2.05
C PRO A 15 -3.58 4.84 0.97
N THR A 16 -4.01 5.47 -0.11
CA THR A 16 -3.08 6.06 -1.09
C THR A 16 -3.70 7.40 -1.45
N MET A 17 -2.92 8.33 -1.99
CA MET A 17 -3.43 9.66 -2.20
C MET A 17 -2.75 10.26 -3.42
N ILE A 18 -3.48 11.11 -4.16
CA ILE A 18 -2.93 11.77 -5.35
C ILE A 18 -3.69 13.08 -5.59
N LYS A 19 -3.00 14.08 -6.12
CA LYS A 19 -3.59 15.37 -6.49
C LYS A 19 -4.11 15.31 -7.92
N GLU A 20 -5.29 15.85 -8.16
CA GLU A 20 -5.80 16.06 -9.51
C GLU A 20 -6.49 17.42 -9.58
N GLY A 21 -5.87 18.36 -10.26
CA GLY A 21 -6.43 19.69 -10.35
C GLY A 21 -6.43 20.36 -8.97
N SER A 22 -7.54 20.97 -8.56
CA SER A 22 -7.61 21.69 -7.29
C SER A 22 -7.99 20.77 -6.10
N SER A 23 -8.08 19.46 -6.32
CA SER A 23 -8.47 18.51 -5.28
C SER A 23 -7.43 17.44 -5.01
N TRP A 24 -7.46 16.91 -3.80
CA TRP A 24 -6.78 15.69 -3.43
C TRP A 24 -7.78 14.53 -3.45
N TYR A 25 -7.34 13.34 -3.86
CA TYR A 25 -8.15 12.12 -3.77
C TYR A 25 -7.38 11.15 -2.94
N ALA A 26 -8.05 10.61 -1.94
CA ALA A 26 -7.51 9.54 -1.11
C ALA A 26 -8.35 8.30 -1.36
N LEU A 27 -7.70 7.19 -1.68
CA LEU A 27 -8.42 5.95 -1.91
C LEU A 27 -8.01 4.97 -0.82
N GLY A 28 -8.91 4.05 -0.46
CA GLY A 28 -8.61 3.07 0.57
C GLY A 28 -9.40 1.81 0.31
N THR A 29 -9.17 0.84 1.19
CA THR A 29 -9.97 -0.37 1.20
C THR A 29 -11.44 -0.02 1.30
N GLY A 30 -12.26 -0.69 0.50
CA GLY A 30 -13.68 -0.52 0.62
C GLY A 30 -14.19 -0.86 2.03
N LEU A 31 -15.26 -0.19 2.43
CA LEU A 31 -16.00 -0.59 3.62
C LEU A 31 -16.40 -2.04 3.53
N THR A 32 -16.28 -2.77 4.63
CA THR A 32 -16.51 -4.21 4.60
C THR A 32 -17.91 -4.58 4.10
N GLU A 33 -18.88 -3.74 4.45
CA GLU A 33 -20.28 -3.97 4.09
C GLU A 33 -20.63 -3.44 2.68
N GLU A 34 -19.63 -3.03 1.90
CA GLU A 34 -19.85 -2.53 0.55
C GLU A 34 -18.90 -3.16 -0.45
N ARG A 35 -19.27 -2.94 -1.70
CA ARG A 35 -18.46 -3.37 -2.82
C ARG A 35 -17.43 -2.35 -3.18
N GLY A 36 -16.27 -2.81 -3.62
CA GLY A 36 -15.30 -1.96 -4.26
C GLY A 36 -14.28 -1.27 -3.37
N LEU A 37 -13.84 -0.12 -3.85
CA LEU A 37 -12.77 0.68 -3.26
C LEU A 37 -13.33 2.02 -2.81
N ARG A 38 -12.91 2.45 -1.63
CA ARG A 38 -13.33 3.71 -1.00
C ARG A 38 -12.57 4.88 -1.58
N VAL A 39 -13.33 5.95 -1.89
CA VAL A 39 -12.77 7.17 -2.51
C VAL A 39 -13.21 8.40 -1.71
N LEU A 40 -12.23 9.19 -1.30
CA LEU A 40 -12.43 10.45 -0.60
C LEU A 40 -11.85 11.61 -1.43
N LYS A 41 -12.47 12.76 -1.34
CA LYS A 41 -12.04 13.97 -2.05
C LYS A 41 -11.96 15.14 -1.06
N SER A 42 -10.94 16.01 -1.24
CA SER A 42 -10.85 17.22 -0.46
C SER A 42 -10.14 18.32 -1.21
N SER A 43 -10.33 19.54 -0.74
CA SER A 43 -9.58 20.69 -1.19
C SER A 43 -8.36 20.97 -0.28
N ASP A 44 -8.36 20.43 0.95
CA ASP A 44 -7.35 20.81 1.97
C ASP A 44 -6.59 19.59 2.55
N ALA A 45 -6.77 18.43 1.93
CA ALA A 45 -6.23 17.16 2.45
C ALA A 45 -6.51 16.85 3.94
N LYS A 46 -7.56 17.44 4.48
CA LYS A 46 -7.91 17.31 5.90
C LYS A 46 -9.38 17.00 6.09
N ASN A 47 -10.23 17.76 5.39
CA ASN A 47 -11.66 17.57 5.45
C ASN A 47 -12.09 16.99 4.15
N TRP A 48 -12.61 15.78 4.24
CA TRP A 48 -12.85 14.92 3.12
C TRP A 48 -14.33 14.63 2.99
N THR A 49 -14.73 14.36 1.76
CA THR A 49 -16.08 13.92 1.47
C THR A 49 -15.96 12.58 0.79
N VAL A 50 -16.91 11.69 1.07
CA VAL A 50 -16.92 10.35 0.51
C VAL A 50 -17.55 10.42 -0.88
N GLN A 51 -16.84 9.92 -1.86
CA GLN A 51 -17.30 9.88 -3.25
C GLN A 51 -17.87 8.50 -3.57
N LYS A 52 -18.54 8.39 -4.72
CA LYS A 52 -18.90 7.08 -5.24
C LYS A 52 -17.69 6.19 -5.31
N SER A 53 -17.84 4.98 -4.85
CA SER A 53 -16.75 4.02 -4.85
C SER A 53 -16.41 3.57 -6.26
N ILE A 54 -15.21 3.04 -6.43
CA ILE A 54 -14.74 2.37 -7.62
C ILE A 54 -15.14 0.90 -7.48
N PHE A 55 -15.60 0.28 -8.58
CA PHE A 55 -16.05 -1.11 -8.57
C PHE A 55 -17.30 -1.26 -7.68
N THR A 56 -18.25 -0.33 -7.78
CA THR A 56 -19.58 -0.59 -7.19
C THR A 56 -20.18 -1.84 -7.86
N THR A 57 -19.74 -2.18 -9.08
CA THR A 57 -20.04 -3.44 -9.74
C THR A 57 -18.78 -4.24 -9.81
N PRO A 58 -18.75 -5.49 -9.33
CA PRO A 58 -17.53 -6.26 -9.41
C PRO A 58 -17.17 -6.66 -10.85
N LEU A 59 -15.89 -6.95 -11.05
CA LEU A 59 -15.40 -7.40 -12.35
C LEU A 59 -15.54 -8.91 -12.45
N SER A 60 -16.03 -9.42 -13.58
CA SER A 60 -16.34 -10.84 -13.73
C SER A 60 -15.14 -11.76 -13.58
N TRP A 61 -13.94 -11.31 -13.95
CA TRP A 61 -12.79 -12.23 -13.95
C TRP A 61 -12.28 -12.56 -12.56
N TRP A 62 -12.65 -11.74 -11.57
CA TRP A 62 -12.13 -11.93 -10.20
C TRP A 62 -12.45 -13.31 -9.67
N SER A 63 -13.64 -13.84 -9.99
CA SER A 63 -14.03 -15.14 -9.42
C SER A 63 -13.23 -16.33 -9.99
N ASN A 64 -12.55 -16.11 -11.12
CA ASN A 64 -11.70 -17.14 -11.73
C ASN A 64 -10.44 -17.38 -10.93
N TYR A 65 -10.03 -16.41 -10.15
CA TYR A 65 -8.79 -16.47 -9.35
C TYR A 65 -9.04 -16.50 -7.85
N VAL A 66 -10.10 -15.84 -7.41
CA VAL A 66 -10.47 -15.74 -6.01
C VAL A 66 -11.95 -16.06 -5.87
N PRO A 67 -12.28 -17.33 -5.98
CA PRO A 67 -13.69 -17.72 -6.01
C PRO A 67 -14.57 -17.14 -4.92
N ASN A 68 -14.13 -16.98 -3.70
CA ASN A 68 -15.16 -16.46 -2.75
C ASN A 68 -14.65 -15.18 -2.16
N TYR A 69 -14.26 -14.31 -3.07
CA TYR A 69 -13.71 -13.01 -2.70
C TYR A 69 -14.72 -12.26 -1.86
N GLY A 70 -14.19 -11.52 -0.89
CA GLY A 70 -14.99 -10.57 -0.14
C GLY A 70 -15.43 -9.44 -1.02
N GLN A 71 -16.56 -8.85 -0.65
CA GLN A 71 -17.19 -7.89 -1.58
C GLN A 71 -16.37 -6.61 -1.67
N ASN A 72 -15.64 -6.24 -0.62
CA ASN A 72 -14.81 -5.04 -0.66
C ASN A 72 -13.45 -5.39 -1.22
N GLN A 73 -12.92 -4.52 -2.06
CA GLN A 73 -11.54 -4.68 -2.53
C GLN A 73 -10.57 -3.89 -1.63
N TRP A 74 -9.28 -4.25 -1.65
CA TRP A 74 -8.38 -3.79 -0.61
C TRP A 74 -7.15 -3.07 -1.12
N ALA A 75 -6.70 -2.10 -0.34
CA ALA A 75 -5.33 -1.58 -0.43
C ALA A 75 -4.96 -1.08 -1.83
N PRO A 76 -5.72 -0.10 -2.30
CA PRO A 76 -5.45 0.50 -3.60
C PRO A 76 -4.12 1.24 -3.61
N ASP A 77 -3.60 1.37 -4.82
CA ASP A 77 -2.39 2.12 -5.03
C ASP A 77 -2.50 2.84 -6.36
N ILE A 78 -2.10 4.10 -6.40
CA ILE A 78 -2.32 4.90 -7.61
C ILE A 78 -1.12 5.75 -7.94
N GLN A 79 -0.88 5.89 -9.23
CA GLN A 79 0.11 6.82 -9.76
C GLN A 79 -0.34 7.31 -11.11
N TYR A 80 0.10 8.50 -11.48
CA TYR A 80 -0.03 8.97 -12.86
C TYR A 80 1.31 8.73 -13.58
N TYR A 81 1.31 8.01 -14.70
CA TYR A 81 2.55 7.66 -15.42
C TYR A 81 2.21 7.47 -16.87
N ASN A 82 3.03 8.06 -17.75
CA ASN A 82 2.91 7.84 -19.20
C ASN A 82 1.50 8.21 -19.75
N GLY A 83 0.95 9.31 -19.23
CA GLY A 83 -0.37 9.84 -19.57
C GLY A 83 -1.66 9.24 -18.98
N LYS A 84 -1.55 8.37 -17.99
CA LYS A 84 -2.72 7.71 -17.40
C LYS A 84 -2.52 7.51 -15.92
N TYR A 85 -3.63 7.46 -15.19
CA TYR A 85 -3.63 6.93 -13.84
C TYR A 85 -3.68 5.43 -13.88
N TRP A 86 -2.88 4.81 -13.03
CA TRP A 86 -2.83 3.35 -12.88
C TRP A 86 -3.20 3.04 -11.45
N LEU A 87 -4.22 2.23 -11.31
CA LEU A 87 -4.82 1.86 -10.06
C LEU A 87 -4.64 0.36 -9.84
N TYR A 88 -3.70 -0.03 -8.97
CA TYR A 88 -3.55 -1.42 -8.59
C TYR A 88 -4.43 -1.64 -7.34
N TYR A 89 -4.98 -2.82 -7.16
CA TYR A 89 -5.87 -3.07 -6.02
C TYR A 89 -5.86 -4.58 -5.74
N SER A 90 -6.45 -4.97 -4.60
CA SER A 90 -6.39 -6.35 -4.14
C SER A 90 -7.80 -6.96 -4.09
N VAL A 91 -7.92 -8.21 -4.57
CA VAL A 91 -9.13 -8.98 -4.46
C VAL A 91 -8.80 -10.19 -3.57
N SER A 92 -9.50 -10.36 -2.45
CA SER A 92 -9.11 -11.42 -1.53
C SER A 92 -10.23 -11.71 -0.58
N SER A 93 -9.98 -12.59 0.39
CA SER A 93 -10.89 -12.83 1.52
C SER A 93 -10.06 -12.87 2.81
N PHE A 94 -10.64 -12.36 3.87
CA PHE A 94 -9.92 -12.17 5.13
C PHE A 94 -9.14 -13.42 5.57
N GLY A 95 -7.83 -13.24 5.74
CA GLY A 95 -6.97 -14.32 6.23
C GLY A 95 -6.39 -15.23 5.17
N SER A 96 -6.85 -15.15 3.93
CA SER A 96 -6.51 -16.14 2.92
C SER A 96 -5.32 -15.70 2.07
N ASN A 97 -4.50 -16.62 1.62
CA ASN A 97 -3.57 -16.23 0.54
C ASN A 97 -3.98 -16.67 -0.84
N THR A 98 -5.26 -16.97 -1.01
CA THR A 98 -5.84 -17.04 -2.34
C THR A 98 -6.39 -15.65 -2.67
N SER A 99 -5.63 -14.94 -3.50
CA SER A 99 -5.79 -13.52 -3.73
C SER A 99 -5.30 -13.11 -5.10
N ALA A 100 -5.71 -11.93 -5.54
CA ALA A 100 -5.19 -11.41 -6.81
C ALA A 100 -5.06 -9.91 -6.75
N ILE A 101 -4.07 -9.41 -7.48
CA ILE A 101 -3.94 -7.97 -7.69
C ILE A 101 -4.41 -7.70 -9.11
N GLY A 102 -5.32 -6.74 -9.22
CA GLY A 102 -5.82 -6.28 -10.51
C GLY A 102 -5.33 -4.87 -10.79
N LEU A 103 -5.55 -4.44 -12.00
CA LEU A 103 -5.13 -3.11 -12.50
C LEU A 103 -6.26 -2.49 -13.27
N ALA A 104 -6.49 -1.20 -13.01
CA ALA A 104 -7.38 -0.42 -13.84
C ALA A 104 -6.71 0.88 -14.22
N SER A 105 -7.19 1.51 -15.26
CA SER A 105 -6.58 2.74 -15.73
C SER A 105 -7.62 3.80 -16.02
N SER A 106 -7.22 5.07 -15.97
CA SER A 106 -8.15 6.19 -16.25
C SER A 106 -7.36 7.41 -16.66
N THR A 107 -8.00 8.35 -17.34
CA THR A 107 -7.40 9.66 -17.55
C THR A 107 -7.98 10.69 -16.63
N SER A 108 -8.91 10.30 -15.74
CA SER A 108 -9.51 11.27 -14.80
C SER A 108 -10.17 10.60 -13.59
N ILE A 109 -9.64 10.89 -12.41
CA ILE A 109 -10.23 10.38 -11.18
C ILE A 109 -11.57 11.03 -10.86
N SER A 110 -11.68 12.33 -11.12
CA SER A 110 -12.93 13.06 -10.84
C SER A 110 -14.09 12.55 -11.70
N SER A 111 -13.79 12.05 -12.91
CA SER A 111 -14.82 11.56 -13.83
C SER A 111 -15.32 10.19 -13.36
N GLY A 112 -14.45 9.41 -12.73
CA GLY A 112 -14.82 8.13 -12.13
C GLY A 112 -14.92 6.98 -13.13
N GLY A 113 -14.37 7.15 -14.32
CA GLY A 113 -14.40 6.11 -15.35
C GLY A 113 -13.07 5.34 -15.31
N TRP A 114 -13.15 4.01 -15.17
CA TRP A 114 -11.97 3.14 -15.07
C TRP A 114 -12.03 1.98 -16.08
N LYS A 115 -10.94 1.79 -16.81
CA LYS A 115 -10.80 0.69 -17.75
C LYS A 115 -10.16 -0.51 -17.01
N ASP A 116 -10.80 -1.66 -17.13
CA ASP A 116 -10.29 -2.92 -16.60
C ASP A 116 -9.10 -3.43 -17.44
N GLU A 117 -7.92 -3.42 -16.83
CA GLU A 117 -6.71 -3.97 -17.44
C GLU A 117 -6.40 -5.40 -17.05
N GLY A 118 -7.21 -5.97 -16.19
CA GLY A 118 -7.09 -7.37 -15.85
C GLY A 118 -6.08 -7.70 -14.78
N LEU A 119 -5.74 -8.98 -14.75
CA LEU A 119 -4.91 -9.55 -13.72
C LEU A 119 -3.47 -9.07 -13.80
N VAL A 120 -2.91 -8.73 -12.63
CA VAL A 120 -1.48 -8.38 -12.50
C VAL A 120 -0.68 -9.61 -12.02
N ILE A 121 -1.06 -10.14 -10.86
CA ILE A 121 -0.44 -11.34 -10.29
C ILE A 121 -1.42 -11.89 -9.29
N ARG A 122 -1.40 -13.21 -9.11
CA ARG A 122 -2.25 -13.85 -8.11
C ARG A 122 -1.41 -14.79 -7.21
N SER A 123 -2.05 -15.24 -6.16
CA SER A 123 -1.50 -16.23 -5.26
C SER A 123 -2.55 -17.30 -4.91
N THR A 124 -2.11 -18.52 -4.58
CA THR A 124 -2.96 -19.57 -4.08
C THR A 124 -2.35 -20.15 -2.83
N SER A 125 -3.04 -21.13 -2.24
CA SER A 125 -2.57 -21.76 -1.03
C SER A 125 -1.24 -22.43 -1.26
N SER A 126 -0.93 -22.69 -2.53
CA SER A 126 0.36 -23.30 -2.89
C SER A 126 1.53 -22.35 -2.91
N ASN A 127 1.27 -21.05 -2.84
CA ASN A 127 2.33 -20.05 -2.79
C ASN A 127 2.69 -19.74 -1.35
N ASN A 128 3.95 -19.36 -1.16
CA ASN A 128 4.47 -18.88 0.13
C ASN A 128 4.36 -17.33 0.28
N TYR A 129 3.37 -16.73 -0.37
CA TYR A 129 3.12 -15.27 -0.31
C TYR A 129 1.66 -15.00 -0.61
N ASN A 130 1.26 -13.77 -0.38
CA ASN A 130 -0.13 -13.32 -0.58
C ASN A 130 -0.11 -12.13 -1.52
N ALA A 131 -0.82 -12.27 -2.64
CA ALA A 131 -0.89 -11.22 -3.65
C ALA A 131 -1.95 -10.15 -3.32
N ILE A 132 -1.58 -9.37 -2.31
CA ILE A 132 -2.29 -8.19 -1.92
C ILE A 132 -1.33 -7.04 -1.63
N ASP A 133 -1.89 -5.88 -1.43
CA ASP A 133 -1.17 -4.69 -0.99
C ASP A 133 -0.15 -4.18 -2.03
N PRO A 134 -0.60 -3.94 -3.27
CA PRO A 134 0.33 -3.48 -4.32
C PRO A 134 0.91 -2.12 -4.12
N GLU A 135 2.10 -1.92 -4.66
CA GLU A 135 2.78 -0.65 -4.66
C GLU A 135 3.52 -0.50 -5.98
N LEU A 136 3.16 0.51 -6.75
CA LEU A 136 3.87 0.87 -7.98
C LEU A 136 5.00 1.80 -7.59
N THR A 137 6.19 1.49 -8.08
CA THR A 137 7.33 2.36 -7.86
C THR A 137 8.13 2.47 -9.16
N PHE A 138 9.08 3.37 -9.13
CA PHE A 138 9.92 3.65 -10.29
C PHE A 138 11.37 3.59 -9.89
N ASP A 139 12.16 2.96 -10.76
CA ASP A 139 13.58 2.82 -10.45
C ASP A 139 14.35 4.06 -10.88
N LYS A 140 15.67 4.06 -10.71
CA LYS A 140 16.46 5.22 -11.04
C LYS A 140 16.39 5.66 -12.50
N ASP A 141 16.02 4.75 -13.40
CA ASP A 141 15.78 5.06 -14.81
C ASP A 141 14.35 5.37 -15.11
N GLY A 142 13.55 5.61 -14.08
CA GLY A 142 12.15 5.92 -14.26
C GLY A 142 11.24 4.83 -14.71
N ASN A 143 11.72 3.60 -14.68
CA ASN A 143 10.93 2.47 -15.13
C ASN A 143 10.19 1.74 -14.01
N PRO A 144 8.98 1.25 -14.30
CA PRO A 144 8.09 0.73 -13.28
C PRO A 144 8.42 -0.66 -12.72
N TRP A 145 8.16 -0.81 -11.43
CA TRP A 145 8.27 -2.05 -10.69
C TRP A 145 7.09 -2.11 -9.73
N LEU A 146 6.76 -3.31 -9.32
CA LEU A 146 5.63 -3.53 -8.37
C LEU A 146 6.09 -4.31 -7.14
N ALA A 147 5.86 -3.74 -5.96
CA ALA A 147 6.04 -4.48 -4.70
C ALA A 147 4.67 -4.87 -4.16
N PHE A 148 4.64 -5.95 -3.41
CA PHE A 148 3.40 -6.40 -2.77
C PHE A 148 3.70 -7.40 -1.68
N GLY A 149 2.68 -7.71 -0.93
CA GLY A 149 2.71 -8.81 0.04
C GLY A 149 2.08 -8.52 1.39
N SER A 150 1.81 -9.62 2.10
CA SER A 150 1.24 -9.64 3.43
C SER A 150 1.35 -11.05 3.98
N PHE A 151 2.07 -11.19 5.08
CA PHE A 151 2.20 -12.46 5.81
C PHE A 151 2.89 -13.52 4.94
N TRP A 152 2.91 -14.75 5.42
CA TRP A 152 3.69 -15.81 4.79
C TRP A 152 5.15 -15.36 4.66
N SER A 153 5.80 -15.50 3.50
CA SER A 153 7.24 -15.18 3.41
C SER A 153 7.45 -13.68 3.12
N GLY A 154 6.37 -12.87 3.14
CA GLY A 154 6.52 -11.42 3.17
C GLY A 154 6.39 -10.67 1.86
N ILE A 155 7.25 -9.67 1.71
CA ILE A 155 7.20 -8.70 0.62
C ILE A 155 8.01 -9.12 -0.58
N LYS A 156 7.31 -9.05 -1.73
CA LYS A 156 7.87 -9.45 -3.02
C LYS A 156 7.94 -8.24 -3.94
N LEU A 157 8.73 -8.40 -4.99
CA LEU A 157 9.03 -7.34 -5.96
C LEU A 157 9.21 -7.93 -7.36
N THR A 158 8.55 -7.32 -8.35
CA THR A 158 8.75 -7.67 -9.74
C THR A 158 8.89 -6.39 -10.56
N LYS A 159 9.68 -6.50 -11.60
CA LYS A 159 9.73 -5.47 -12.64
C LYS A 159 8.41 -5.54 -13.39
N LEU A 160 8.02 -4.44 -14.01
CA LEU A 160 6.85 -4.37 -14.85
C LEU A 160 7.24 -4.00 -16.27
N ASP A 161 6.46 -4.49 -17.23
CA ASP A 161 6.61 -4.06 -18.61
C ASP A 161 6.01 -2.66 -18.72
N LYS A 162 6.78 -1.70 -19.25
CA LYS A 162 6.34 -0.31 -19.20
C LYS A 162 5.17 -0.06 -20.16
N SER A 163 5.00 -0.92 -21.15
CA SER A 163 3.91 -0.79 -22.09
C SER A 163 2.63 -1.51 -21.71
N THR A 164 2.66 -2.52 -20.82
CA THR A 164 1.43 -3.15 -20.35
C THR A 164 1.18 -2.94 -18.87
N MET A 165 2.21 -2.54 -18.12
CA MET A 165 2.14 -2.38 -16.69
C MET A 165 1.87 -3.68 -15.91
N LYS A 166 2.25 -4.80 -16.50
CA LYS A 166 2.15 -6.15 -15.89
C LYS A 166 3.56 -6.75 -15.65
N PRO A 167 3.67 -7.76 -14.81
CA PRO A 167 4.97 -8.29 -14.45
C PRO A 167 5.78 -8.88 -15.61
N THR A 168 7.09 -8.69 -15.44
CA THR A 168 8.11 -9.28 -16.32
C THR A 168 9.27 -9.71 -15.45
N GLY A 169 9.95 -10.76 -15.86
CA GLY A 169 11.12 -11.25 -15.14
C GLY A 169 10.80 -12.04 -13.89
N SER A 170 11.81 -12.10 -13.00
CA SER A 170 11.75 -12.86 -11.77
C SER A 170 11.03 -12.14 -10.64
N LEU A 171 10.51 -12.90 -9.72
CA LEU A 171 9.92 -12.41 -8.50
C LEU A 171 10.96 -12.40 -7.39
N TYR A 172 11.24 -11.23 -6.82
CA TYR A 172 12.28 -11.03 -5.81
C TYR A 172 11.63 -10.90 -4.43
N SER A 173 12.38 -11.31 -3.43
CA SER A 173 12.01 -11.17 -2.02
C SER A 173 12.77 -10.03 -1.41
N ILE A 174 12.04 -9.08 -0.78
CA ILE A 174 12.70 -7.89 -0.23
C ILE A 174 12.47 -7.58 1.24
N ALA A 175 11.47 -8.21 1.89
CA ALA A 175 11.31 -8.10 3.34
C ALA A 175 10.54 -9.27 3.86
N ALA A 176 10.93 -9.74 5.04
CA ALA A 176 10.28 -10.89 5.68
C ALA A 176 10.42 -10.78 7.19
N ARG A 177 9.56 -11.48 7.93
CA ARG A 177 9.72 -11.62 9.37
C ARG A 177 9.63 -13.10 9.74
N PRO A 178 10.70 -13.84 9.42
CA PRO A 178 10.70 -15.32 9.56
C PRO A 178 10.48 -15.77 11.00
N ASN A 179 10.88 -14.95 11.98
CA ASN A 179 10.74 -15.33 13.39
C ASN A 179 9.62 -14.59 14.12
N ASN A 180 8.81 -13.85 13.40
CA ASN A 180 7.63 -13.19 13.99
C ASN A 180 6.41 -13.43 13.12
N GLY A 181 6.27 -14.67 12.64
CA GLY A 181 5.10 -15.13 11.97
C GLY A 181 4.82 -14.55 10.62
N GLY A 182 5.82 -13.91 10.01
CA GLY A 182 5.63 -13.21 8.75
C GLY A 182 4.73 -12.00 8.89
N ALA A 183 4.66 -11.40 10.07
CA ALA A 183 3.69 -10.36 10.32
C ALA A 183 4.16 -9.00 9.82
N LEU A 184 4.17 -8.87 8.50
CA LEU A 184 4.42 -7.60 7.84
C LEU A 184 3.62 -7.54 6.53
N GLU A 185 3.36 -6.32 6.08
CA GLU A 185 2.50 -6.07 4.93
C GLU A 185 2.73 -4.69 4.35
N ALA A 186 2.07 -4.43 3.25
CA ALA A 186 1.81 -3.02 2.84
C ALA A 186 3.10 -2.29 2.52
N PRO A 187 3.84 -2.77 1.56
CA PRO A 187 5.04 -2.03 1.19
C PRO A 187 4.78 -0.68 0.53
N THR A 188 5.75 0.22 0.74
CA THR A 188 5.90 1.44 -0.05
C THR A 188 7.38 1.62 -0.33
N LEU A 189 7.70 2.04 -1.54
CA LEU A 189 9.08 2.02 -2.02
C LEU A 189 9.32 3.23 -2.88
N THR A 190 10.43 3.95 -2.62
CA THR A 190 10.79 5.15 -3.37
C THR A 190 12.28 5.22 -3.51
N TYR A 191 12.73 5.92 -4.55
CA TYR A 191 14.15 6.16 -4.78
C TYR A 191 14.46 7.65 -4.50
N GLN A 192 15.34 7.92 -3.53
CA GLN A 192 15.70 9.28 -3.13
C GLN A 192 17.18 9.30 -2.82
N ASN A 193 17.90 10.29 -3.35
CA ASN A 193 19.32 10.51 -2.96
C ASN A 193 20.19 9.28 -3.06
N GLY A 194 20.02 8.55 -4.15
CA GLY A 194 20.92 7.48 -4.44
C GLY A 194 20.60 6.19 -3.73
N TYR A 195 19.50 6.16 -2.96
CA TYR A 195 19.04 4.93 -2.32
C TYR A 195 17.60 4.59 -2.63
N TYR A 196 17.35 3.30 -2.68
CA TYR A 196 15.99 2.77 -2.60
C TYR A 196 15.60 2.64 -1.14
N TYR A 197 14.42 3.12 -0.81
CA TYR A 197 13.84 3.01 0.52
C TYR A 197 12.59 2.19 0.51
N LEU A 198 12.51 1.21 1.40
CA LEU A 198 11.34 0.36 1.59
C LEU A 198 10.76 0.63 2.98
N MET A 199 9.50 1.00 3.06
CA MET A 199 8.76 1.00 4.31
C MET A 199 7.73 -0.12 4.27
N VAL A 200 7.54 -0.79 5.40
CA VAL A 200 6.52 -1.81 5.55
C VAL A 200 5.74 -1.54 6.83
N SER A 201 4.52 -2.06 6.91
CA SER A 201 3.81 -2.14 8.18
C SER A 201 4.16 -3.45 8.87
N PHE A 202 4.64 -3.41 10.11
CA PHE A 202 4.75 -4.58 10.95
C PHE A 202 3.37 -4.72 11.61
N ASP A 203 2.83 -5.92 11.64
CA ASP A 203 1.50 -6.18 12.17
C ASP A 203 1.64 -6.97 13.45
N LYS A 204 0.57 -7.04 14.21
CA LYS A 204 0.52 -7.98 15.33
C LYS A 204 0.39 -9.38 14.79
N CYS A 205 1.27 -10.28 15.25
CA CYS A 205 1.34 -11.63 14.70
C CYS A 205 0.39 -12.58 15.39
N CYS A 206 0.06 -12.26 16.63
CA CYS A 206 -0.30 -13.31 17.58
C CYS A 206 -1.58 -13.09 18.38
N ASP A 207 -2.36 -12.07 17.98
CA ASP A 207 -3.60 -11.74 18.67
C ASP A 207 -4.87 -12.18 17.92
N GLY A 208 -4.72 -12.87 16.80
CA GLY A 208 -5.88 -13.33 16.03
C GLY A 208 -6.61 -12.26 15.22
N VAL A 209 -6.06 -11.05 15.16
CA VAL A 209 -6.68 -9.92 14.44
C VAL A 209 -5.70 -9.41 13.40
N ASN A 210 -4.42 -9.27 13.78
CA ASN A 210 -3.37 -8.94 12.83
C ASN A 210 -3.49 -7.58 12.16
N SER A 211 -3.95 -6.59 12.94
CA SER A 211 -3.90 -5.22 12.47
C SER A 211 -2.47 -4.72 12.42
N THR A 212 -2.30 -3.58 11.75
CA THR A 212 -1.02 -2.92 11.74
C THR A 212 -0.67 -2.43 13.14
N TYR A 213 0.62 -2.28 13.37
CA TYR A 213 1.18 -1.98 14.69
C TYR A 213 2.29 -0.92 14.62
N LYS A 214 3.24 -1.05 13.69
CA LYS A 214 4.32 -0.08 13.54
C LYS A 214 4.69 0.07 12.08
N ILE A 215 5.30 1.20 11.73
CA ILE A 215 5.88 1.46 10.41
C ILE A 215 7.39 1.32 10.52
N ALA A 216 7.99 0.49 9.67
CA ALA A 216 9.42 0.15 9.72
C ALA A 216 10.07 0.40 8.37
N TYR A 217 11.38 0.73 8.36
CA TYR A 217 12.06 1.07 7.09
C TYR A 217 13.48 0.58 6.97
N GLY A 218 13.94 0.52 5.73
CA GLY A 218 15.32 0.18 5.43
C GLY A 218 15.68 0.76 4.08
N ARG A 219 16.94 0.65 3.69
CA ARG A 219 17.43 1.23 2.42
C ARG A 219 18.40 0.28 1.71
N SER A 220 18.54 0.48 0.42
CA SER A 220 19.37 -0.39 -0.39
C SER A 220 19.87 0.38 -1.62
N LYS A 221 21.09 0.15 -2.05
CA LYS A 221 21.58 0.76 -3.27
C LYS A 221 20.89 0.15 -4.52
N SER A 222 20.46 -1.09 -4.42
CA SER A 222 19.75 -1.70 -5.53
C SER A 222 18.30 -1.97 -5.17
N ILE A 223 17.44 -1.95 -6.16
CA ILE A 223 16.02 -2.05 -5.89
C ILE A 223 15.66 -3.43 -5.34
N THR A 224 16.47 -4.41 -5.71
CA THR A 224 16.22 -5.77 -5.27
C THR A 224 16.84 -6.13 -3.94
N GLY A 225 17.50 -5.16 -3.29
CA GLY A 225 17.99 -5.32 -1.93
C GLY A 225 19.43 -5.81 -1.85
N PRO A 226 19.89 -6.12 -0.64
CA PRO A 226 19.08 -6.14 0.58
C PRO A 226 18.83 -4.79 1.15
N TYR A 227 17.60 -4.60 1.65
CA TYR A 227 17.25 -3.39 2.39
C TYR A 227 17.76 -3.53 3.84
N LEU A 228 18.59 -2.62 4.27
CA LEU A 228 19.23 -2.65 5.58
C LEU A 228 18.65 -1.54 6.44
N ASP A 229 18.38 -1.82 7.71
CA ASP A 229 17.95 -0.79 8.63
C ASP A 229 19.13 0.02 9.20
N LYS A 230 18.85 0.99 10.07
CA LYS A 230 19.92 1.86 10.58
C LYS A 230 21.00 1.11 11.35
N SER A 231 20.62 -0.01 11.95
CA SER A 231 21.58 -0.87 12.67
C SER A 231 22.36 -1.81 11.75
N GLY A 232 22.02 -1.86 10.47
CA GLY A 232 22.65 -2.76 9.51
C GLY A 232 21.95 -4.11 9.27
N LYS A 233 20.80 -4.32 9.90
CA LYS A 233 20.08 -5.56 9.81
C LYS A 233 19.18 -5.58 8.58
N SER A 234 19.25 -6.69 7.87
CA SER A 234 18.47 -6.92 6.67
C SER A 234 16.99 -7.06 6.96
N MET A 235 16.18 -6.45 6.13
CA MET A 235 14.73 -6.55 6.22
C MET A 235 14.24 -7.94 5.88
N LEU A 236 15.06 -8.75 5.24
CA LEU A 236 14.69 -10.18 5.05
C LEU A 236 14.77 -11.01 6.33
N GLU A 237 15.49 -10.51 7.33
CA GLU A 237 15.62 -11.13 8.64
C GLU A 237 14.89 -10.37 9.74
N GLY A 238 13.82 -9.69 9.35
CA GLY A 238 12.99 -9.01 10.33
C GLY A 238 13.54 -7.65 10.71
N GLY A 239 14.58 -7.20 10.00
CA GLY A 239 15.06 -5.84 10.22
C GLY A 239 14.06 -4.78 9.77
N GLY A 240 14.34 -3.54 10.18
CA GLY A 240 13.49 -2.40 9.89
C GLY A 240 13.50 -1.48 11.09
N THR A 241 13.89 -0.22 10.84
CA THR A 241 13.93 0.80 11.85
C THR A 241 12.53 1.37 11.97
N ILE A 242 12.10 1.68 13.18
CA ILE A 242 10.74 2.09 13.45
C ILE A 242 10.64 3.59 13.29
N LEU A 243 9.84 3.97 12.32
CA LEU A 243 9.43 5.35 12.10
C LEU A 243 8.34 5.78 13.05
N ASP A 244 7.41 4.88 13.34
CA ASP A 244 6.19 5.28 14.03
C ASP A 244 5.59 4.05 14.67
N SER A 245 5.38 4.13 15.97
CA SER A 245 4.71 3.09 16.73
C SER A 245 3.44 3.61 17.41
N GLY A 246 2.96 4.80 16.99
CA GLY A 246 1.75 5.35 17.55
C GLY A 246 2.05 6.22 18.75
N ASN A 247 0.97 6.68 19.37
CA ASN A 247 1.11 7.51 20.55
C ASN A 247 -0.14 7.33 21.44
N ASP A 248 -0.45 8.28 22.31
CA ASP A 248 -1.52 8.11 23.30
C ASP A 248 -2.88 7.95 22.61
N GLN A 249 -3.10 8.77 21.60
CA GLN A 249 -4.37 8.79 20.89
C GLN A 249 -4.42 7.84 19.68
N TRP A 250 -3.33 7.76 18.93
CA TRP A 250 -3.30 7.09 17.63
C TRP A 250 -2.57 5.76 17.75
N LYS A 251 -3.30 4.67 17.56
CA LYS A 251 -2.79 3.33 17.75
C LYS A 251 -2.57 2.63 16.40
N GLY A 252 -1.64 1.70 16.37
CA GLY A 252 -1.45 0.82 15.23
C GLY A 252 -1.28 1.48 13.89
N PRO A 253 -0.37 2.46 13.79
CA PRO A 253 -0.14 3.09 12.47
C PRO A 253 0.36 2.11 11.45
N GLY A 254 -0.12 2.28 10.22
CA GLY A 254 0.26 1.40 9.14
C GLY A 254 -0.42 1.74 7.84
N GLY A 255 -0.28 0.85 6.87
CA GLY A 255 -0.86 1.12 5.57
C GLY A 255 -0.27 2.33 4.92
N GLN A 256 0.99 2.61 5.22
CA GLN A 256 1.63 3.86 4.81
C GLN A 256 1.95 3.90 3.34
N ASP A 257 1.87 5.11 2.76
CA ASP A 257 2.21 5.29 1.36
C ASP A 257 2.90 6.60 1.18
N ILE A 258 3.97 6.56 0.41
CA ILE A 258 4.77 7.77 0.09
C ILE A 258 4.16 8.41 -1.12
N VAL A 259 3.78 9.68 -0.97
CA VAL A 259 3.08 10.46 -1.95
C VAL A 259 4.02 11.64 -2.40
N ASN A 260 4.22 11.80 -3.71
CA ASN A 260 5.10 12.88 -4.22
C ASN A 260 6.53 12.91 -3.65
N GLY A 261 7.01 11.78 -3.16
CA GLY A 261 8.33 11.66 -2.62
C GLY A 261 8.50 12.17 -1.18
N ASN A 262 7.66 13.13 -0.74
CA ASN A 262 7.87 13.87 0.51
C ASN A 262 6.64 14.08 1.39
N ILE A 263 5.68 13.20 1.24
CA ILE A 263 4.48 13.16 2.07
C ILE A 263 4.27 11.73 2.46
N LEU A 264 4.00 11.46 3.73
CA LEU A 264 3.65 10.11 4.16
C LEU A 264 2.21 10.11 4.65
N VAL A 265 1.38 9.33 3.98
CA VAL A 265 0.03 9.09 4.43
C VAL A 265 0.01 7.73 5.11
N ARG A 266 -0.89 7.58 6.06
CA ARG A 266 -1.05 6.26 6.71
C ARG A 266 -2.39 6.26 7.40
N HIS A 267 -2.84 5.09 7.85
CA HIS A 267 -3.98 5.04 8.76
C HIS A 267 -3.47 4.88 10.18
N ALA A 268 -4.30 5.24 11.16
CA ALA A 268 -4.04 4.90 12.57
C ALA A 268 -5.39 4.93 13.27
N TYR A 269 -5.51 4.16 14.35
CA TYR A 269 -6.79 3.92 15.00
C TYR A 269 -7.01 4.87 16.17
N ASP A 270 -8.12 5.59 16.13
CA ASP A 270 -8.38 6.72 17.05
C ASP A 270 -8.94 6.24 18.42
N ALA A 271 -8.11 6.32 19.45
CA ALA A 271 -8.55 5.97 20.79
C ALA A 271 -9.60 6.93 21.35
N ASN A 272 -9.75 8.08 20.71
CA ASN A 272 -10.82 9.03 21.06
C ASN A 272 -12.05 8.96 20.16
N ASP A 273 -12.08 8.03 19.21
CA ASP A 273 -13.22 7.85 18.34
C ASP A 273 -13.40 6.40 17.91
N ASN A 274 -13.71 5.59 18.92
CA ASN A 274 -14.16 4.21 18.76
C ASN A 274 -13.17 3.33 18.04
N GLY A 275 -11.89 3.67 18.13
CA GLY A 275 -10.85 2.89 17.46
C GLY A 275 -10.94 2.85 15.97
N ILE A 276 -11.61 3.84 15.38
CA ILE A 276 -11.83 3.90 13.93
C ILE A 276 -10.51 4.32 13.25
N PRO A 277 -10.10 3.66 12.16
CA PRO A 277 -8.90 4.09 11.44
C PRO A 277 -9.20 5.37 10.63
N LYS A 278 -8.31 6.33 10.79
CA LYS A 278 -8.35 7.59 10.09
C LYS A 278 -7.07 7.77 9.27
N LEU A 279 -7.18 8.68 8.30
CA LEU A 279 -6.05 9.10 7.45
C LEU A 279 -5.22 10.17 8.16
N LEU A 280 -3.95 9.86 8.43
CA LEU A 280 -3.01 10.81 9.05
C LEU A 280 -1.94 11.10 8.00
N ILE A 281 -1.52 12.35 7.94
CA ILE A 281 -0.58 12.80 6.92
C ILE A 281 0.52 13.65 7.54
N ASN A 282 1.77 13.35 7.20
CA ASN A 282 2.91 14.16 7.62
C ASN A 282 3.79 14.50 6.44
N ASP A 283 4.55 15.58 6.54
CA ASP A 283 5.68 15.79 5.64
C ASP A 283 6.73 14.74 5.95
N LEU A 284 7.48 14.36 4.92
CA LEU A 284 8.58 13.42 5.02
C LEU A 284 9.86 14.12 4.61
N ASN A 285 10.87 14.02 5.46
CA ASN A 285 12.21 14.56 5.25
C ASN A 285 13.18 13.40 4.97
N TRP A 286 14.10 13.54 4.04
CA TRP A 286 15.13 12.51 3.78
C TRP A 286 16.52 13.00 4.04
N SER A 287 16.65 14.24 4.51
CA SER A 287 17.94 14.89 4.58
C SER A 287 18.96 14.13 5.44
N SER A 288 18.52 13.29 6.38
CA SER A 288 19.44 12.52 7.24
C SER A 288 20.11 11.22 6.65
N GLY A 289 19.65 10.80 5.48
CA GLY A 289 20.11 9.54 4.89
C GLY A 289 18.99 8.54 5.07
N TRP A 290 18.00 8.93 5.85
CA TRP A 290 16.88 8.07 6.20
C TRP A 290 15.60 8.88 6.26
N PRO A 291 14.46 8.25 6.11
CA PRO A 291 13.19 8.98 6.24
C PRO A 291 12.96 9.42 7.67
N SER A 292 12.34 10.59 7.79
CA SER A 292 11.98 11.16 9.07
C SER A 292 10.73 12.00 8.95
N TYR A 293 9.93 12.04 10.01
CA TYR A 293 8.95 13.09 10.18
C TYR A 293 9.66 14.41 10.51
#